data_7HH2
#
_entry.id   7HH2
#
_cell.length_a   41.605
_cell.length_b   42.286
_cell.length_c   159.243
_cell.angle_alpha   90.00
_cell.angle_beta   90.00
_cell.angle_gamma   90.00
#
_symmetry.space_group_name_H-M   'P 21 21 21'
#
loop_
_entity.id
_entity.type
_entity.pdbx_description
1 polymer 'Hepatoma-derived growth factor-related protein 2'
2 non-polymer 'SULFATE ION'
3 non-polymer 1,2-ETHANEDIOL
4 non-polymer N,N-dimethylpiperazine-1-carboxamide
5 water water
#
_entity_poly.entity_id   1
_entity_poly.type   'polypeptide(L)'
_entity_poly.pdbx_seq_one_letter_code
;GMPHAFKPGDLVFAKMKGYPHWPARIDDIADGAVKPPPNKYPIFFFGTHETAFLGPKDLFPYDKSKDKYGKPNKRKGFNE
GLWEIQNNPHASYS
;
_entity_poly.pdbx_strand_id   A,B,C
#
loop_
_chem_comp.id
_chem_comp.type
_chem_comp.name
_chem_comp.formula
A1AKB non-polymer N,N-dimethylpiperazine-1-carboxamide 'C7 H15 N3 O'
EDO non-polymer 1,2-ETHANEDIOL 'C2 H6 O2'
SO4 non-polymer 'SULFATE ION' 'O4 S -2'
#
# COMPACT_ATOMS: atom_id res chain seq x y z
N MET A 2 -5.93 17.14 21.41
CA MET A 2 -5.03 18.09 20.69
C MET A 2 -4.14 17.33 19.68
N PRO A 3 -3.91 17.90 18.47
CA PRO A 3 -3.03 17.30 17.46
C PRO A 3 -1.59 16.93 17.80
N HIS A 4 -1.13 15.82 17.22
CA HIS A 4 0.27 15.44 17.28
C HIS A 4 0.89 15.80 15.93
N ALA A 5 2.19 15.58 15.76
CA ALA A 5 2.76 15.57 14.43
C ALA A 5 2.21 14.39 13.64
N PHE A 6 2.41 14.45 12.33
CA PHE A 6 2.00 13.37 11.44
C PHE A 6 2.83 12.13 11.77
N LYS A 7 2.20 10.96 11.60
CA LYS A 7 2.93 9.73 11.82
C LYS A 7 2.51 8.69 10.79
N PRO A 8 3.35 7.69 10.50
CA PRO A 8 2.97 6.61 9.57
C PRO A 8 1.63 6.01 9.98
N GLY A 9 0.78 5.76 8.98
CA GLY A 9 -0.53 5.20 9.20
C GLY A 9 -1.62 6.28 9.18
N ASP A 10 -1.21 7.55 9.36
CA ASP A 10 -2.22 8.61 9.38
C ASP A 10 -2.88 8.75 8.00
N LEU A 11 -4.20 8.98 7.96
CA LEU A 11 -4.93 9.10 6.70
C LEU A 11 -5.18 10.59 6.43
N VAL A 12 -5.02 11.00 5.17
CA VAL A 12 -5.11 12.42 4.80
C VAL A 12 -5.75 12.55 3.43
N PHE A 13 -6.09 13.79 3.07
CA PHE A 13 -6.13 14.16 1.68
C PHE A 13 -4.85 14.95 1.43
N ALA A 14 -4.14 14.59 0.34
CA ALA A 14 -2.85 15.20 0.07
C ALA A 14 -2.95 16.05 -1.21
N LYS A 15 -2.42 17.28 -1.12
CA LYS A 15 -2.61 18.23 -2.20
C LYS A 15 -1.33 18.34 -3.01
N MET A 16 -1.47 18.11 -4.31
CA MET A 16 -0.39 18.37 -5.25
C MET A 16 -0.88 19.29 -6.36
N LYS A 17 0.04 20.10 -6.90
CA LYS A 17 -0.25 21.08 -7.95
C LYS A 17 -0.93 20.41 -9.12
N GLY A 18 -2.05 21.00 -9.56
CA GLY A 18 -2.75 20.51 -10.73
C GLY A 18 -3.55 19.25 -10.47
N TYR A 19 -3.69 18.86 -9.19
CA TYR A 19 -4.50 17.72 -8.87
C TYR A 19 -5.46 18.09 -7.76
N PRO A 20 -6.66 17.49 -7.68
CA PRO A 20 -7.57 17.72 -6.55
C PRO A 20 -6.94 17.07 -5.31
N HIS A 21 -7.31 17.57 -4.12
CA HIS A 21 -7.01 16.96 -2.84
C HIS A 21 -7.32 15.47 -2.91
N TRP A 22 -6.29 14.66 -2.66
CA TRP A 22 -6.34 13.25 -3.05
C TRP A 22 -6.27 12.33 -1.83
N PRO A 23 -7.08 11.25 -1.76
CA PRO A 23 -6.98 10.34 -0.60
C PRO A 23 -5.59 9.67 -0.55
N ALA A 24 -4.97 9.69 0.63
CA ALA A 24 -3.60 9.24 0.79
C ALA A 24 -3.33 8.82 2.23
N ARG A 25 -2.16 8.21 2.45
CA ARG A 25 -1.73 7.95 3.82
C ARG A 25 -0.26 8.36 3.95
N ILE A 26 0.18 8.59 5.19
CA ILE A 26 1.59 8.70 5.51
C ILE A 26 2.14 7.27 5.51
N ASP A 27 3.17 7.02 4.71
CA ASP A 27 3.77 5.68 4.68
C ASP A 27 4.90 5.55 5.70
N ASP A 28 5.19 4.27 6.04
CA ASP A 28 6.45 3.91 6.65
C ASP A 28 7.56 4.03 5.61
N ILE A 29 8.80 4.12 6.09
CA ILE A 29 9.94 3.92 5.21
C ILE A 29 10.50 2.54 5.56
N ALA A 30 10.57 1.65 4.57
CA ALA A 30 11.11 0.32 4.77
C ALA A 30 12.62 0.39 5.06
N ASP A 31 13.10 -0.55 5.88
CA ASP A 31 14.53 -0.76 6.04
C ASP A 31 15.17 -0.82 4.66
N GLY A 32 16.20 -0.01 4.48
CA GLY A 32 17.01 -0.03 3.29
C GLY A 32 16.44 0.84 2.16
N ALA A 33 15.27 1.43 2.39
CA ALA A 33 14.60 2.18 1.34
C ALA A 33 14.99 3.66 1.44
N VAL A 34 14.81 4.36 0.32
CA VAL A 34 15.08 5.79 0.16
C VAL A 34 14.27 6.63 1.16
N LYS A 35 14.96 7.51 1.90
CA LYS A 35 14.36 8.35 2.92
C LYS A 35 13.85 9.63 2.27
N PRO A 36 12.84 10.32 2.84
CA PRO A 36 12.36 11.57 2.24
C PRO A 36 13.31 12.71 2.62
N PRO A 37 13.29 13.86 1.91
CA PRO A 37 14.11 15.01 2.30
C PRO A 37 13.69 15.40 3.70
N PRO A 38 14.50 16.20 4.45
CA PRO A 38 14.10 16.69 5.77
C PRO A 38 12.75 17.39 5.72
N ASN A 39 11.96 17.20 6.77
CA ASN A 39 10.69 17.89 6.94
C ASN A 39 9.65 17.38 5.94
N LYS A 40 9.98 16.40 5.10
CA LYS A 40 8.94 15.84 4.22
C LYS A 40 8.54 14.45 4.71
N TYR A 41 7.36 14.00 4.24
CA TYR A 41 6.85 12.69 4.58
C TYR A 41 6.59 11.91 3.30
N PRO A 42 6.75 10.56 3.33
CA PRO A 42 6.40 9.73 2.19
C PRO A 42 4.88 9.58 2.14
N ILE A 43 4.26 10.06 1.06
CA ILE A 43 2.81 10.00 0.94
C ILE A 43 2.47 8.93 -0.10
N PHE A 44 1.64 7.96 0.31
CA PHE A 44 1.11 6.98 -0.61
C PHE A 44 -0.31 7.38 -1.01
N PHE A 45 -0.50 7.60 -2.32
CA PHE A 45 -1.78 8.06 -2.84
C PHE A 45 -2.60 6.82 -3.19
N PHE A 46 -3.79 6.72 -2.57
CA PHE A 46 -4.66 5.61 -2.89
C PHE A 46 -5.10 5.68 -4.36
N GLY A 47 -5.45 4.52 -4.91
CA GLY A 47 -6.01 4.44 -6.24
C GLY A 47 -4.88 4.46 -7.27
N THR A 48 -4.08 5.53 -7.32
CA THR A 48 -2.92 5.55 -8.21
C THR A 48 -1.82 4.64 -7.66
N HIS A 49 -1.74 4.54 -6.33
CA HIS A 49 -0.67 3.83 -5.66
C HIS A 49 0.69 4.46 -5.95
N GLU A 50 0.74 5.77 -6.26
CA GLU A 50 2.05 6.43 -6.36
C GLU A 50 2.49 7.00 -5.01
N THR A 51 3.79 7.34 -4.90
CA THR A 51 4.32 8.00 -3.72
C THR A 51 4.90 9.35 -4.13
N ALA A 52 4.68 10.37 -3.32
CA ALA A 52 5.43 11.61 -3.47
C ALA A 52 5.82 12.05 -2.07
N PHE A 53 6.73 13.05 -1.99
CA PHE A 53 7.16 13.54 -0.70
C PHE A 53 6.55 14.92 -0.49
N LEU A 54 5.91 15.12 0.67
CA LEU A 54 5.13 16.34 0.90
C LEU A 54 5.34 16.79 2.34
N GLY A 55 5.25 18.10 2.52
CA GLY A 55 5.27 18.63 3.88
C GLY A 55 3.84 18.82 4.39
N PRO A 56 3.69 19.06 5.70
CA PRO A 56 2.37 19.30 6.32
C PRO A 56 1.43 20.31 5.66
N LYS A 57 1.97 21.31 4.95
CA LYS A 57 1.09 22.31 4.35
C LYS A 57 0.15 21.67 3.33
N ASP A 58 0.55 20.53 2.76
CA ASP A 58 -0.22 19.89 1.72
C ASP A 58 -1.01 18.68 2.23
N LEU A 59 -1.10 18.53 3.56
CA LEU A 59 -1.66 17.33 4.19
C LEU A 59 -2.86 17.73 5.07
N PHE A 60 -4.04 17.26 4.69
CA PHE A 60 -5.26 17.59 5.42
C PHE A 60 -5.79 16.33 6.09
N PRO A 61 -5.90 16.26 7.43
CA PRO A 61 -6.40 15.03 8.08
C PRO A 61 -7.73 14.55 7.50
N TYR A 62 -7.85 13.23 7.31
CA TYR A 62 -8.92 12.65 6.51
C TYR A 62 -10.28 12.88 7.17
N ASP A 63 -10.32 12.69 8.46
CA ASP A 63 -11.58 12.71 9.19
C ASP A 63 -12.22 14.10 9.05
N LYS A 64 -11.48 15.14 9.46
CA LYS A 64 -11.91 16.53 9.36
C LYS A 64 -12.31 16.94 7.94
N SER A 65 -11.67 16.36 6.90
CA SER A 65 -11.67 16.90 5.54
C SER A 65 -12.57 16.12 4.59
N LYS A 66 -13.05 14.95 5.01
CA LYS A 66 -13.68 14.04 4.05
C LYS A 66 -14.97 14.62 3.49
N ASP A 67 -15.69 15.40 4.31
N ASP A 67 -15.70 15.39 4.30
CA ASP A 67 -16.96 15.99 3.89
CA ASP A 67 -16.96 15.99 3.86
C ASP A 67 -16.74 16.88 2.66
C ASP A 67 -16.69 16.82 2.60
N LYS A 68 -15.60 17.60 2.65
CA LYS A 68 -15.27 18.53 1.58
C LYS A 68 -14.64 17.80 0.40
N TYR A 69 -13.75 16.85 0.67
CA TYR A 69 -12.86 16.39 -0.38
C TYR A 69 -13.20 14.99 -0.87
N GLY A 70 -14.00 14.23 -0.12
CA GLY A 70 -14.18 12.82 -0.42
C GLY A 70 -15.44 12.61 -1.25
N LYS A 71 -15.51 13.25 -2.41
CA LYS A 71 -16.59 13.04 -3.35
C LYS A 71 -15.97 12.58 -4.67
N PRO A 72 -16.71 11.83 -5.51
CA PRO A 72 -16.15 11.27 -6.75
C PRO A 72 -15.57 12.31 -7.69
N ASN A 73 -14.54 11.91 -8.43
CA ASN A 73 -13.78 12.80 -9.27
C ASN A 73 -13.57 12.06 -10.59
N LYS A 74 -13.44 12.81 -11.67
CA LYS A 74 -13.22 12.27 -13.00
C LYS A 74 -11.81 11.67 -13.10
N ARG A 75 -10.89 12.08 -12.24
CA ARG A 75 -9.47 11.83 -12.51
C ARG A 75 -9.14 10.36 -12.25
N LYS A 76 -8.16 9.85 -13.00
CA LYS A 76 -7.82 8.45 -13.03
C LYS A 76 -7.32 8.02 -11.65
N GLY A 77 -7.96 6.99 -11.08
CA GLY A 77 -7.46 6.44 -9.84
C GLY A 77 -8.24 6.96 -8.64
N PHE A 78 -8.98 8.06 -8.82
CA PHE A 78 -9.49 8.80 -7.68
C PHE A 78 -10.58 8.02 -6.92
N ASN A 79 -11.53 7.47 -7.67
CA ASN A 79 -12.67 6.81 -7.02
C ASN A 79 -12.23 5.48 -6.42
N GLU A 80 -11.27 4.81 -7.08
CA GLU A 80 -10.62 3.65 -6.49
C GLU A 80 -9.95 4.08 -5.18
N GLY A 81 -9.29 5.24 -5.21
CA GLY A 81 -8.64 5.76 -4.02
C GLY A 81 -9.64 5.99 -2.87
N LEU A 82 -10.82 6.54 -3.21
CA LEU A 82 -11.84 6.77 -2.20
C LEU A 82 -12.24 5.44 -1.56
N TRP A 83 -12.33 4.38 -2.38
CA TRP A 83 -12.77 3.09 -1.83
C TRP A 83 -11.70 2.62 -0.85
N GLU A 84 -10.44 2.72 -1.27
CA GLU A 84 -9.34 2.20 -0.48
C GLU A 84 -9.27 2.92 0.87
N ILE A 85 -9.31 4.27 0.87
CA ILE A 85 -9.08 4.96 2.11
C ILE A 85 -10.23 4.65 3.09
N GLN A 86 -11.41 4.39 2.53
CA GLN A 86 -12.57 4.16 3.40
C GLN A 86 -12.64 2.71 3.86
N ASN A 87 -12.17 1.76 3.04
CA ASN A 87 -12.45 0.34 3.23
C ASN A 87 -11.24 -0.49 3.66
N ASN A 88 -10.02 -0.14 3.20
CA ASN A 88 -8.84 -0.86 3.62
C ASN A 88 -7.62 0.07 3.53
N PRO A 89 -7.58 1.14 4.36
CA PRO A 89 -6.51 2.14 4.25
C PRO A 89 -5.14 1.65 4.69
N HIS A 90 -5.04 0.54 5.45
CA HIS A 90 -3.80 0.08 6.02
C HIS A 90 -3.27 -1.17 5.30
N ALA A 91 -3.90 -1.53 4.17
CA ALA A 91 -3.52 -2.72 3.42
C ALA A 91 -2.23 -2.47 2.65
N SER A 92 -1.60 -3.60 2.27
CA SER A 92 -0.49 -3.59 1.33
C SER A 92 -1.06 -3.38 -0.06
N TYR A 93 -0.55 -2.37 -0.78
CA TYR A 93 -0.98 -2.23 -2.16
C TYR A 93 0.19 -2.46 -3.12
N SER A 94 1.23 -3.17 -2.67
CA SER A 94 2.31 -3.59 -3.55
C SER A 94 1.73 -4.41 -4.72
N MET B 2 34.15 -27.13 10.43
CA MET B 2 35.11 -27.00 9.30
C MET B 2 35.22 -25.53 8.92
N PRO B 3 36.41 -24.88 9.09
CA PRO B 3 36.60 -23.47 8.68
C PRO B 3 36.24 -23.27 7.22
N HIS B 4 35.57 -22.15 6.89
CA HIS B 4 35.23 -21.85 5.51
C HIS B 4 35.96 -20.57 5.06
N ALA B 5 35.73 -20.17 3.81
CA ALA B 5 36.43 -19.02 3.24
C ALA B 5 36.15 -17.82 4.12
N PHE B 6 34.87 -17.74 4.55
CA PHE B 6 34.40 -16.72 5.48
C PHE B 6 34.08 -17.42 6.80
N LYS B 7 34.50 -16.81 7.92
CA LYS B 7 34.27 -17.35 9.25
C LYS B 7 33.41 -16.35 10.03
N PRO B 8 32.65 -16.79 11.08
CA PRO B 8 31.82 -15.88 11.89
C PRO B 8 32.63 -14.71 12.41
N GLY B 9 32.07 -13.50 12.27
CA GLY B 9 32.71 -12.29 12.74
C GLY B 9 33.49 -11.56 11.65
N ASP B 10 33.67 -12.22 10.49
CA ASP B 10 34.26 -11.55 9.34
C ASP B 10 33.34 -10.39 8.94
N LEU B 11 33.90 -9.22 8.63
CA LEU B 11 33.10 -8.07 8.26
C LEU B 11 33.06 -7.98 6.74
N VAL B 12 31.91 -7.63 6.16
CA VAL B 12 31.75 -7.60 4.71
C VAL B 12 30.88 -6.42 4.27
N PHE B 13 30.88 -6.10 2.97
CA PHE B 13 29.68 -5.53 2.37
C PHE B 13 28.93 -6.65 1.70
N ALA B 14 27.60 -6.71 1.91
CA ALA B 14 26.76 -7.73 1.33
C ALA B 14 25.76 -7.11 0.37
N LYS B 15 25.58 -7.81 -0.76
CA LYS B 15 24.86 -7.25 -1.88
C LYS B 15 23.56 -8.01 -2.03
N MET B 16 22.43 -7.28 -2.03
CA MET B 16 21.13 -7.82 -2.33
C MET B 16 20.49 -7.00 -3.45
N LYS B 17 19.77 -7.68 -4.34
CA LYS B 17 19.06 -6.99 -5.41
C LYS B 17 18.22 -5.85 -4.79
N GLY B 18 18.31 -4.65 -5.38
CA GLY B 18 17.49 -3.51 -4.96
C GLY B 18 18.21 -2.59 -3.96
N TYR B 19 19.38 -3.00 -3.45
CA TYR B 19 20.04 -2.28 -2.37
C TYR B 19 21.53 -2.07 -2.67
N PRO B 20 22.19 -1.01 -2.18
CA PRO B 20 23.64 -0.89 -2.37
C PRO B 20 24.35 -1.94 -1.52
N HIS B 21 25.56 -2.33 -1.94
CA HIS B 21 26.45 -3.13 -1.08
C HIS B 21 26.36 -2.66 0.38
N TRP B 22 26.02 -3.57 1.30
CA TRP B 22 25.56 -3.10 2.61
C TRP B 22 26.51 -3.57 3.73
N PRO B 23 26.92 -2.70 4.68
CA PRO B 23 27.82 -3.14 5.78
C PRO B 23 27.15 -4.27 6.54
N ALA B 24 27.87 -5.38 6.70
CA ALA B 24 27.27 -6.56 7.28
C ALA B 24 28.38 -7.41 7.90
N ARG B 25 27.96 -8.48 8.58
CA ARG B 25 28.90 -9.42 9.18
C ARG B 25 28.39 -10.84 8.94
N ILE B 26 29.32 -11.81 8.96
CA ILE B 26 28.97 -13.20 8.99
C ILE B 26 28.63 -13.53 10.45
N ASP B 27 27.47 -14.16 10.66
CA ASP B 27 27.06 -14.60 11.98
C ASP B 27 27.41 -16.08 12.22
N ASP B 28 27.39 -16.46 13.51
N ASP B 28 27.43 -16.49 13.50
CA ASP B 28 27.47 -17.84 13.96
CA ASP B 28 27.54 -17.90 13.81
C ASP B 28 26.11 -18.50 13.68
C ASP B 28 26.14 -18.52 13.70
N ILE B 29 26.09 -19.85 13.56
CA ILE B 29 24.86 -20.57 13.25
C ILE B 29 23.96 -20.61 14.48
N ALA B 30 24.58 -20.56 15.67
CA ALA B 30 23.89 -20.57 16.95
C ALA B 30 23.05 -21.86 17.08
N LYS B 35 19.43 -23.65 9.58
CA LYS B 35 20.83 -23.74 9.05
C LYS B 35 20.86 -23.20 7.62
N PRO B 36 21.96 -22.52 7.17
CA PRO B 36 22.03 -21.97 5.81
C PRO B 36 21.72 -22.98 4.70
N PRO B 37 21.20 -22.56 3.52
CA PRO B 37 21.13 -23.44 2.36
C PRO B 37 22.58 -23.74 1.98
N PRO B 38 22.87 -24.80 1.17
CA PRO B 38 24.27 -25.10 0.80
C PRO B 38 25.01 -23.91 0.17
N ASN B 39 26.29 -23.72 0.56
CA ASN B 39 27.16 -22.71 -0.02
C ASN B 39 26.88 -21.28 0.48
N LYS B 40 25.87 -21.08 1.34
CA LYS B 40 25.46 -19.74 1.71
C LYS B 40 25.80 -19.50 3.18
N TYR B 41 25.83 -18.24 3.60
CA TYR B 41 26.22 -17.92 4.96
C TYR B 41 25.14 -17.06 5.61
N PRO B 42 24.98 -17.14 6.95
CA PRO B 42 24.09 -16.24 7.67
C PRO B 42 24.72 -14.86 7.67
N ILE B 43 23.99 -13.91 7.09
CA ILE B 43 24.42 -12.52 7.05
C ILE B 43 23.60 -11.67 8.02
N PHE B 44 24.26 -10.77 8.77
CA PHE B 44 23.62 -9.80 9.66
C PHE B 44 23.95 -8.42 9.10
N PHE B 45 22.92 -7.68 8.71
CA PHE B 45 23.07 -6.33 8.19
C PHE B 45 23.08 -5.32 9.33
N PHE B 46 24.21 -4.60 9.46
CA PHE B 46 24.31 -3.47 10.36
C PHE B 46 23.25 -2.41 10.01
N GLY B 47 22.84 -1.64 11.03
CA GLY B 47 21.89 -0.56 10.81
C GLY B 47 20.46 -1.09 10.83
N THR B 48 20.09 -1.89 9.83
CA THR B 48 18.75 -2.45 9.80
C THR B 48 18.66 -3.63 10.75
N HIS B 49 19.79 -4.28 11.04
CA HIS B 49 19.79 -5.42 11.94
C HIS B 49 18.92 -6.54 11.40
N GLU B 50 18.75 -6.63 10.08
CA GLU B 50 18.03 -7.76 9.49
C GLU B 50 19.03 -8.85 9.10
N THR B 51 18.53 -10.01 8.66
CA THR B 51 19.39 -11.12 8.29
C THR B 51 18.97 -11.64 6.92
N ALA B 52 19.91 -12.31 6.24
CA ALA B 52 19.61 -13.13 5.08
C ALA B 52 20.70 -14.20 4.95
N PHE B 53 20.42 -15.17 4.08
CA PHE B 53 21.44 -16.12 3.66
C PHE B 53 21.97 -15.68 2.28
N LEU B 54 23.29 -15.56 2.16
CA LEU B 54 23.92 -15.10 0.93
C LEU B 54 25.12 -16.01 0.65
N GLY B 55 25.43 -16.17 -0.65
CA GLY B 55 26.59 -16.85 -1.18
C GLY B 55 27.77 -15.90 -1.37
N PRO B 56 29.01 -16.40 -1.53
CA PRO B 56 30.19 -15.56 -1.65
C PRO B 56 30.19 -14.54 -2.78
N LYS B 57 29.44 -14.80 -3.87
CA LYS B 57 29.42 -13.90 -5.01
C LYS B 57 28.89 -12.54 -4.56
N ASP B 58 28.14 -12.53 -3.46
CA ASP B 58 27.47 -11.33 -2.98
C ASP B 58 28.16 -10.74 -1.75
N LEU B 59 29.34 -11.30 -1.39
CA LEU B 59 30.07 -10.96 -0.18
C LEU B 59 31.45 -10.37 -0.49
N PHE B 60 31.65 -9.14 -0.01
CA PHE B 60 32.82 -8.33 -0.31
C PHE B 60 33.56 -8.09 1.02
N PRO B 61 34.74 -8.73 1.25
CA PRO B 61 35.56 -8.40 2.43
C PRO B 61 35.69 -6.90 2.70
N TYR B 62 35.40 -6.52 3.95
CA TYR B 62 35.17 -5.13 4.31
C TYR B 62 36.41 -4.28 4.10
N ASP B 63 37.57 -4.80 4.54
CA ASP B 63 38.79 -4.01 4.54
C ASP B 63 39.11 -3.63 3.11
N LYS B 64 39.18 -4.65 2.26
CA LYS B 64 39.45 -4.49 0.84
C LYS B 64 38.45 -3.53 0.19
N SER B 65 37.18 -3.56 0.64
CA SER B 65 36.15 -2.91 -0.17
C SER B 65 35.62 -1.62 0.45
N LYS B 66 36.15 -1.22 1.62
CA LYS B 66 35.51 -0.17 2.43
C LYS B 66 35.51 1.20 1.75
N ASP B 67 36.53 1.55 0.95
CA ASP B 67 36.53 2.92 0.44
C ASP B 67 35.65 3.05 -0.82
N LYS B 68 35.42 1.91 -1.49
CA LYS B 68 34.54 1.81 -2.64
C LYS B 68 33.06 1.78 -2.22
N TYR B 69 32.71 0.91 -1.26
CA TYR B 69 31.30 0.73 -0.88
C TYR B 69 30.93 1.49 0.39
N GLY B 70 31.91 2.03 1.11
CA GLY B 70 31.64 2.51 2.45
C GLY B 70 31.23 3.99 2.54
N LYS B 71 30.59 4.53 1.48
CA LYS B 71 30.24 5.93 1.49
C LYS B 71 28.80 6.09 1.98
N PRO B 72 28.49 7.15 2.76
CA PRO B 72 27.11 7.40 3.17
C PRO B 72 26.17 7.59 1.98
N ASN B 73 24.90 7.21 2.16
CA ASN B 73 23.83 7.46 1.20
C ASN B 73 22.55 7.74 1.99
N LYS B 74 21.41 7.79 1.28
CA LYS B 74 20.14 8.12 1.92
C LYS B 74 19.24 6.89 2.08
N ARG B 75 19.80 5.67 2.05
CA ARG B 75 18.95 4.53 2.37
C ARG B 75 18.80 4.46 3.88
N LYS B 76 17.57 4.15 4.35
CA LYS B 76 17.27 4.02 5.77
C LYS B 76 18.09 2.88 6.40
N GLY B 77 18.85 3.25 7.45
CA GLY B 77 19.64 2.29 8.23
C GLY B 77 21.10 2.20 7.79
N PHE B 78 21.41 2.68 6.56
CA PHE B 78 22.75 2.60 5.96
C PHE B 78 23.79 3.35 6.79
N ASN B 79 23.58 4.64 7.07
CA ASN B 79 24.58 5.39 7.83
C ASN B 79 24.74 4.81 9.25
N GLU B 80 23.66 4.31 9.85
CA GLU B 80 23.77 3.66 11.14
C GLU B 80 24.64 2.39 11.02
N GLY B 81 24.44 1.63 9.93
CA GLY B 81 25.22 0.44 9.61
C GLY B 81 26.70 0.77 9.51
N LEU B 82 27.01 1.87 8.82
CA LEU B 82 28.39 2.32 8.69
C LEU B 82 28.98 2.55 10.09
N TRP B 83 28.20 3.17 10.98
CA TRP B 83 28.62 3.46 12.34
C TRP B 83 28.94 2.17 13.11
N GLU B 84 28.07 1.16 12.97
CA GLU B 84 28.18 -0.08 13.70
C GLU B 84 29.40 -0.87 13.24
N ILE B 85 29.60 -0.97 11.91
CA ILE B 85 30.67 -1.83 11.40
C ILE B 85 32.01 -1.24 11.84
N GLN B 86 32.05 0.09 11.94
CA GLN B 86 33.20 0.87 12.38
C GLN B 86 33.44 0.75 13.89
N ASN B 87 32.38 0.78 14.72
CA ASN B 87 32.62 1.11 16.13
C ASN B 87 32.34 -0.05 17.07
N ASN B 88 31.43 -0.95 16.68
CA ASN B 88 31.10 -2.09 17.50
C ASN B 88 30.57 -3.22 16.63
N PRO B 89 31.40 -3.71 15.65
CA PRO B 89 30.96 -4.74 14.70
C PRO B 89 30.48 -6.04 15.33
N HIS B 90 30.93 -6.31 16.57
CA HIS B 90 30.75 -7.65 17.13
C HIS B 90 29.70 -7.66 18.25
N ALA B 91 28.99 -6.53 18.43
CA ALA B 91 28.02 -6.42 19.52
C ALA B 91 26.80 -7.29 19.24
N SER B 92 26.06 -7.60 20.32
CA SER B 92 24.71 -8.12 20.25
C SER B 92 23.79 -6.97 19.87
N TYR B 93 22.96 -7.18 18.83
CA TYR B 93 22.04 -6.17 18.33
C TYR B 93 20.60 -6.60 18.56
N SER B 94 20.46 -7.75 19.25
CA SER B 94 19.21 -8.20 19.84
C SER B 94 18.45 -7.02 20.46
N HIS C 4 -34.83 -14.99 -1.94
CA HIS C 4 -34.86 -13.80 -1.04
C HIS C 4 -36.10 -12.94 -1.39
N ALA C 5 -36.08 -11.66 -0.99
CA ALA C 5 -37.18 -10.74 -1.19
C ALA C 5 -36.64 -9.33 -1.41
N PHE C 6 -37.12 -8.66 -2.47
CA PHE C 6 -36.57 -7.38 -2.85
C PHE C 6 -37.73 -6.41 -3.11
N LYS C 7 -37.72 -5.28 -2.40
CA LYS C 7 -38.68 -4.20 -2.61
C LYS C 7 -37.88 -3.01 -3.11
N PRO C 8 -38.49 -1.94 -3.68
CA PRO C 8 -37.71 -0.78 -4.11
C PRO C 8 -36.84 -0.24 -2.98
N GLY C 9 -35.65 0.24 -3.34
CA GLY C 9 -34.73 0.82 -2.37
C GLY C 9 -33.63 -0.15 -1.92
N ASP C 10 -33.95 -1.47 -1.86
CA ASP C 10 -33.03 -2.50 -1.43
C ASP C 10 -31.73 -2.42 -2.24
N LEU C 11 -30.59 -2.42 -1.53
CA LEU C 11 -29.28 -2.32 -2.16
C LEU C 11 -28.78 -3.71 -2.54
N VAL C 12 -28.22 -3.84 -3.74
CA VAL C 12 -27.77 -5.15 -4.21
C VAL C 12 -26.50 -4.99 -5.04
N PHE C 13 -25.84 -6.13 -5.33
CA PHE C 13 -25.03 -6.37 -6.51
C PHE C 13 -25.87 -7.12 -7.53
N ALA C 14 -25.80 -6.65 -8.77
CA ALA C 14 -26.67 -7.11 -9.84
C ALA C 14 -25.78 -7.63 -10.96
N LYS C 15 -25.99 -8.90 -11.35
CA LYS C 15 -25.09 -9.54 -12.30
C LYS C 15 -25.77 -9.61 -13.66
N MET C 16 -25.12 -9.06 -14.68
CA MET C 16 -25.52 -9.23 -16.07
C MET C 16 -24.37 -9.89 -16.84
N LYS C 17 -24.72 -10.64 -17.89
CA LYS C 17 -23.72 -11.27 -18.74
C LYS C 17 -22.82 -10.17 -19.33
N GLY C 18 -21.51 -10.35 -19.22
CA GLY C 18 -20.62 -9.38 -19.84
C GLY C 18 -20.08 -8.38 -18.82
N TYR C 19 -20.53 -8.49 -17.56
CA TYR C 19 -20.24 -7.46 -16.56
C TYR C 19 -20.00 -8.11 -15.22
N PRO C 20 -19.09 -7.51 -14.42
CA PRO C 20 -18.87 -7.93 -13.04
C PRO C 20 -20.14 -7.63 -12.23
N HIS C 21 -20.29 -8.36 -11.10
CA HIS C 21 -21.35 -8.04 -10.14
C HIS C 21 -21.29 -6.55 -9.80
N TRP C 22 -22.42 -5.85 -10.00
CA TRP C 22 -22.38 -4.40 -10.08
C TRP C 22 -23.23 -3.80 -8.97
N PRO C 23 -22.73 -2.77 -8.24
CA PRO C 23 -23.50 -2.12 -7.18
C PRO C 23 -24.73 -1.48 -7.77
N ALA C 24 -25.90 -1.84 -7.21
CA ALA C 24 -27.17 -1.41 -7.77
C ALA C 24 -28.23 -1.28 -6.67
N ARG C 25 -29.44 -0.83 -7.06
CA ARG C 25 -30.59 -0.96 -6.19
C ARG C 25 -31.83 -1.34 -7.01
N ILE C 26 -32.84 -1.92 -6.32
CA ILE C 26 -34.19 -2.12 -6.82
C ILE C 26 -34.89 -0.77 -6.95
N ASP C 27 -35.37 -0.45 -8.16
CA ASP C 27 -36.18 0.73 -8.38
C ASP C 27 -37.63 0.50 -7.92
N LYS C 35 -44.32 -2.31 -18.11
CA LYS C 35 -44.32 -3.33 -17.02
C LYS C 35 -43.09 -4.22 -17.19
N PRO C 36 -42.47 -4.73 -16.10
CA PRO C 36 -41.29 -5.57 -16.24
C PRO C 36 -41.66 -6.83 -17.05
N PRO C 37 -40.68 -7.51 -17.68
CA PRO C 37 -40.91 -8.89 -18.12
C PRO C 37 -41.30 -9.71 -16.89
N PRO C 38 -42.01 -10.85 -17.08
CA PRO C 38 -42.46 -11.69 -15.97
C PRO C 38 -41.30 -12.00 -15.04
N ASN C 39 -41.50 -11.77 -13.74
CA ASN C 39 -40.62 -12.20 -12.68
C ASN C 39 -39.30 -11.38 -12.69
N LYS C 40 -39.31 -10.19 -13.28
CA LYS C 40 -38.09 -9.41 -13.37
C LYS C 40 -38.22 -8.16 -12.52
N TYR C 41 -37.11 -7.73 -11.90
CA TYR C 41 -37.08 -6.50 -11.09
C TYR C 41 -36.45 -5.40 -11.91
N PRO C 42 -36.89 -4.13 -11.68
CA PRO C 42 -36.30 -2.97 -12.36
C PRO C 42 -35.06 -2.57 -11.54
N ILE C 43 -33.91 -2.54 -12.22
CA ILE C 43 -32.64 -2.35 -11.54
C ILE C 43 -32.06 -1.01 -11.98
N PHE C 44 -31.52 -0.26 -11.02
CA PHE C 44 -30.72 0.91 -11.33
C PHE C 44 -29.28 0.65 -10.90
N PHE C 45 -28.35 0.91 -11.82
CA PHE C 45 -26.93 0.61 -11.63
C PHE C 45 -26.25 1.89 -11.14
N PHE C 46 -25.55 1.79 -9.99
CA PHE C 46 -24.77 2.93 -9.53
C PHE C 46 -23.59 3.17 -10.46
N GLY C 47 -23.10 4.40 -10.49
CA GLY C 47 -21.93 4.68 -11.30
C GLY C 47 -22.31 5.00 -12.74
N THR C 48 -22.78 4.00 -13.49
CA THR C 48 -23.21 4.21 -14.86
C THR C 48 -24.54 4.94 -14.88
N HIS C 49 -25.37 4.66 -13.87
CA HIS C 49 -26.68 5.29 -13.71
C HIS C 49 -27.67 4.78 -14.76
N GLU C 50 -27.48 3.56 -15.24
CA GLU C 50 -28.38 2.99 -16.25
C GLU C 50 -29.32 1.95 -15.62
N THR C 51 -30.30 1.48 -16.40
CA THR C 51 -31.31 0.57 -15.85
C THR C 51 -31.42 -0.70 -16.70
N ALA C 52 -31.99 -1.74 -16.11
CA ALA C 52 -32.27 -2.98 -16.81
C ALA C 52 -33.20 -3.80 -15.93
N PHE C 53 -33.72 -4.89 -16.50
CA PHE C 53 -34.61 -5.83 -15.83
C PHE C 53 -33.80 -7.08 -15.50
N LEU C 54 -33.82 -7.47 -14.22
CA LEU C 54 -33.07 -8.64 -13.83
C LEU C 54 -33.98 -9.54 -13.00
N GLY C 55 -33.74 -10.84 -13.08
CA GLY C 55 -34.42 -11.81 -12.25
C GLY C 55 -33.69 -12.03 -10.92
N PRO C 56 -34.38 -12.67 -9.94
CA PRO C 56 -33.85 -12.79 -8.59
C PRO C 56 -32.50 -13.50 -8.53
N LYS C 57 -32.26 -14.43 -9.46
CA LYS C 57 -31.03 -15.21 -9.44
C LYS C 57 -29.81 -14.31 -9.72
N ASP C 58 -30.07 -13.07 -10.14
CA ASP C 58 -29.01 -12.22 -10.64
C ASP C 58 -28.69 -11.15 -9.62
N LEU C 59 -29.33 -11.26 -8.46
CA LEU C 59 -29.34 -10.17 -7.49
C LEU C 59 -28.81 -10.66 -6.14
N PHE C 60 -27.97 -9.84 -5.51
CA PHE C 60 -27.28 -10.24 -4.29
C PHE C 60 -27.43 -9.09 -3.29
N PRO C 61 -28.03 -9.34 -2.10
CA PRO C 61 -28.25 -8.27 -1.12
C PRO C 61 -26.88 -7.70 -0.77
N TYR C 62 -26.79 -6.37 -0.78
CA TYR C 62 -25.56 -5.62 -0.64
C TYR C 62 -24.80 -6.03 0.62
N ASP C 63 -25.41 -5.77 1.78
CA ASP C 63 -24.81 -6.11 3.07
C ASP C 63 -24.28 -7.53 3.09
N LYS C 64 -25.08 -8.50 2.62
CA LYS C 64 -24.67 -9.90 2.68
C LYS C 64 -23.40 -10.15 1.84
N SER C 65 -23.26 -9.43 0.71
CA SER C 65 -22.28 -9.83 -0.30
C SER C 65 -21.18 -8.78 -0.56
N LYS C 66 -21.21 -7.65 0.15
CA LYS C 66 -20.26 -6.57 -0.15
C LYS C 66 -18.82 -7.02 0.07
N ASP C 67 -18.59 -7.85 1.10
CA ASP C 67 -17.27 -8.36 1.42
C ASP C 67 -16.65 -9.04 0.18
N LYS C 68 -17.49 -9.68 -0.64
CA LYS C 68 -17.07 -10.43 -1.83
C LYS C 68 -17.09 -9.56 -3.12
N TYR C 69 -18.13 -8.74 -3.33
CA TYR C 69 -18.24 -8.06 -4.61
C TYR C 69 -17.84 -6.59 -4.50
N GLY C 70 -17.87 -6.02 -3.29
CA GLY C 70 -17.59 -4.60 -3.12
C GLY C 70 -16.08 -4.38 -3.04
N LYS C 71 -15.44 -4.40 -4.21
CA LYS C 71 -13.99 -4.28 -4.34
C LYS C 71 -13.75 -3.59 -5.68
N PRO C 72 -12.79 -2.66 -5.79
CA PRO C 72 -12.68 -1.86 -7.01
C PRO C 72 -12.49 -2.75 -8.23
N ASN C 73 -12.90 -2.23 -9.37
CA ASN C 73 -12.35 -2.76 -10.60
C ASN C 73 -12.40 -1.66 -11.66
N LYS C 74 -11.86 -2.03 -12.81
CA LYS C 74 -11.43 -1.08 -13.81
C LYS C 74 -12.57 -0.69 -14.73
N ARG C 75 -13.67 -1.47 -14.73
CA ARG C 75 -14.75 -1.24 -15.69
C ARG C 75 -15.33 0.16 -15.49
N LYS C 76 -15.78 0.78 -16.59
CA LYS C 76 -16.23 2.18 -16.59
C LYS C 76 -17.36 2.40 -15.58
N GLY C 77 -17.16 3.35 -14.66
CA GLY C 77 -18.23 3.78 -13.75
C GLY C 77 -18.35 2.89 -12.51
N PHE C 78 -17.54 1.85 -12.42
CA PHE C 78 -17.75 0.90 -11.34
C PHE C 78 -17.35 1.52 -10.00
N ASN C 79 -16.24 2.25 -9.99
CA ASN C 79 -15.68 2.70 -8.71
C ASN C 79 -16.53 3.85 -8.17
N GLU C 80 -17.04 4.69 -9.08
CA GLU C 80 -17.99 5.70 -8.62
C GLU C 80 -19.23 4.99 -8.07
N GLY C 81 -19.62 3.87 -8.72
CA GLY C 81 -20.77 3.12 -8.24
C GLY C 81 -20.60 2.61 -6.81
N LEU C 82 -19.41 2.07 -6.50
CA LEU C 82 -19.09 1.63 -5.14
C LEU C 82 -19.19 2.80 -4.17
N TRP C 83 -18.69 3.97 -4.57
CA TRP C 83 -18.79 5.12 -3.70
C TRP C 83 -20.28 5.40 -3.39
N GLU C 84 -21.12 5.37 -4.43
CA GLU C 84 -22.52 5.70 -4.29
C GLU C 84 -23.27 4.70 -3.39
N ILE C 85 -22.98 3.40 -3.55
CA ILE C 85 -23.76 2.43 -2.81
C ILE C 85 -23.44 2.52 -1.32
N GLN C 86 -22.23 2.98 -0.99
CA GLN C 86 -21.80 3.07 0.41
C GLN C 86 -22.14 4.44 1.02
N ASN C 87 -22.05 5.50 0.22
CA ASN C 87 -22.08 6.87 0.73
C ASN C 87 -23.40 7.59 0.45
N ASN C 88 -24.02 7.35 -0.72
CA ASN C 88 -25.19 8.13 -1.10
C ASN C 88 -26.22 7.25 -1.81
N PRO C 89 -26.68 6.14 -1.20
CA PRO C 89 -27.44 5.12 -1.95
C PRO C 89 -28.84 5.46 -2.44
N HIS C 90 -29.43 6.55 -1.91
CA HIS C 90 -30.81 6.93 -2.22
C HIS C 90 -30.91 8.34 -2.77
N ALA C 91 -29.82 8.87 -3.35
CA ALA C 91 -29.89 10.08 -4.15
C ALA C 91 -30.55 9.81 -5.50
N SER C 92 -30.83 10.89 -6.24
CA SER C 92 -31.69 10.89 -7.41
C SER C 92 -30.98 10.36 -8.65
N TYR C 93 -29.78 10.89 -8.91
CA TYR C 93 -29.05 10.61 -10.13
C TYR C 93 -29.99 10.80 -11.34
S SO4 D . -6.40 11.88 -16.11
O1 SO4 D . -5.52 10.80 -16.47
O2 SO4 D . -6.19 12.24 -14.73
O3 SO4 D . -6.12 13.02 -16.95
O4 SO4 D . -7.77 11.47 -16.30
S SO4 E . -4.64 23.22 -8.56
O1 SO4 E . -3.27 23.57 -8.25
O2 SO4 E . -5.52 23.83 -7.59
O3 SO4 E . -4.98 23.65 -9.89
O4 SO4 E . -4.79 21.79 -8.49
C1 EDO F . 1.85 0.32 -0.53
O1 EDO F . 1.48 -0.86 0.20
C2 EDO F . 3.01 1.09 0.00
O2 EDO F . 2.73 1.68 1.25
S SO4 G . -11.25 5.31 -10.71
O1 SO4 G . -10.60 4.53 -9.72
O2 SO4 G . -10.38 5.44 -11.86
O3 SO4 G . -12.48 4.64 -11.11
O4 SO4 G . -11.53 6.62 -10.18
C1 EDO H . 19.07 -4.33 3.18
O1 EDO H . 19.61 -5.49 2.59
C2 EDO H . 19.46 -4.28 4.59
O2 EDO H . 18.76 -5.33 5.25
S SO4 I . 20.34 6.04 9.37
O1 SO4 I . 21.07 4.81 9.42
O2 SO4 I . 21.05 7.02 8.55
O3 SO4 I . 19.01 5.86 8.78
O4 SO4 I . 20.20 6.52 10.73
S SO4 J . 20.39 -3.45 -8.28
O1 SO4 J . 19.71 -4.47 -7.52
O2 SO4 J . 21.03 -4.08 -9.41
O3 SO4 J . 19.44 -2.48 -8.77
O4 SO4 J . 21.37 -2.80 -7.44
S SO4 K . -20.12 -15.06 -17.27
O1 SO4 K . -19.93 -15.84 -16.08
O2 SO4 K . -19.12 -14.03 -17.33
O3 SO4 K . -20.01 -15.90 -18.43
O4 SO4 K . -21.44 -14.46 -17.25
N1 A1AKB L . -25.76 -1.44 -17.69
C4 A1AKB L . -26.17 -2.10 -20.01
C5 A1AKB L . -27.98 -2.12 -18.41
C6 A1AKB L . -27.19 -1.12 -17.60
O A1AKB L . -24.89 0.12 -16.25
C2 A1AKB L . -24.90 -1.01 -16.67
N A1AKB L . -24.08 -1.92 -16.15
C1 A1AKB L . -24.45 -3.31 -15.87
C A1AKB L . -22.70 -1.56 -15.88
N2 A1AKB L . -27.63 -2.07 -19.82
C3 A1AKB L . -25.47 -2.46 -18.72
#